data_5UZX
#
_entry.id   5UZX
#
_cell.length_a   46.400
_cell.length_b   76.150
_cell.length_c   65.480
_cell.angle_alpha   90.000
_cell.angle_beta   109.860
_cell.angle_gamma   90.000
#
_symmetry.space_group_name_H-M   'P 1 21 1'
#
loop_
_entity.id
_entity.type
_entity.pdbx_description
1 polymer 'Putative short-chain alcohol dehydrogenase'
2 non-polymer 'NADP NICOTINAMIDE-ADENINE-DINUCLEOTIDE PHOSPHATE'
3 non-polymer 'CHLORIDE ION'
4 non-polymer 1,2-ETHANEDIOL
5 non-polymer 'SULFATE ION'
6 water water
#
_entity_poly.entity_id   1
_entity_poly.type   'polypeptide(L)'
_entity_poly.pdbx_seq_one_letter_code
;MAHHHHHHMPDTSDPRPTILLVGASRGLGHAMAAEFLKRGWDVVGTVRADRGRTPLHALAEAYPDRLRIETLDITQPEQI
RALAARLSGRVFDILFVNAGTTNPDPTQTIGEVSTDDFVDLMITNALSPMRVVETLAGLVPRDGLIGIMSSGQGSIADNE
SGQRELYRGSKAALNQFMRSFAARHAQTPLAMVLIAPGWVRTELGGPDARLSIDESVPGVVDVLLAKRGRAGLEYLDYRG
RTVRW
;
_entity_poly.pdbx_strand_id   A,B
#
# COMPACT_ATOMS: atom_id res chain seq x y z
N PRO A 15 3.73 12.22 -2.90
CA PRO A 15 4.85 11.34 -2.53
C PRO A 15 4.45 10.29 -1.49
N ARG A 16 4.52 10.64 -0.21
CA ARG A 16 4.13 9.73 0.85
C ARG A 16 2.64 9.42 0.77
N PRO A 17 2.24 8.20 1.16
CA PRO A 17 0.80 7.90 1.23
C PRO A 17 0.12 8.84 2.21
N THR A 18 -1.11 9.24 1.87
CA THR A 18 -1.86 10.20 2.66
C THR A 18 -3.24 9.64 2.97
N ILE A 19 -3.67 9.81 4.21
CA ILE A 19 -5.03 9.49 4.65
C ILE A 19 -5.78 10.79 4.85
N LEU A 20 -6.99 10.84 4.31
CA LEU A 20 -7.93 11.92 4.60
C LEU A 20 -8.78 11.43 5.76
N LEU A 21 -8.56 12.01 6.94
CA LEU A 21 -9.15 11.53 8.20
C LEU A 21 -10.18 12.58 8.63
N VAL A 22 -11.45 12.26 8.46
CA VAL A 22 -12.54 13.18 8.75
C VAL A 22 -12.97 13.01 10.19
N GLY A 23 -12.87 14.09 10.97
CA GLY A 23 -13.17 14.03 12.39
C GLY A 23 -11.97 13.66 13.23
N ALA A 24 -10.91 14.49 13.17
CA ALA A 24 -9.64 14.15 13.78
C ALA A 24 -9.30 15.08 14.94
N SER A 25 -10.27 15.86 15.42
CA SER A 25 -9.94 16.91 16.38
C SER A 25 -9.53 16.35 17.74
N ARG A 26 -10.20 15.28 18.18
CA ARG A 26 -10.12 14.80 19.56
C ARG A 26 -10.23 13.28 19.54
N GLY A 27 -10.00 12.68 20.71
CA GLY A 27 -10.37 11.30 20.93
C GLY A 27 -9.66 10.31 20.02
N LEU A 28 -10.44 9.34 19.53
CA LEU A 28 -9.88 8.33 18.62
C LEU A 28 -9.33 8.97 17.35
N GLY A 29 -10.02 9.97 16.80
CA GLY A 29 -9.59 10.54 15.53
C GLY A 29 -8.23 11.21 15.64
N HIS A 30 -8.04 11.99 16.70
CA HIS A 30 -6.76 12.63 16.95
C HIS A 30 -5.66 11.58 17.11
N ALA A 31 -5.95 10.52 17.86
CA ALA A 31 -4.94 9.48 18.09
C ALA A 31 -4.62 8.73 16.80
N MET A 32 -5.61 8.55 15.93
CA MET A 32 -5.35 7.89 14.65
C MET A 32 -4.42 8.72 13.78
N ALA A 33 -4.63 10.04 13.76
CA ALA A 33 -3.69 10.91 13.05
C ALA A 33 -2.28 10.71 13.59
N ALA A 34 -2.11 10.75 14.90
CA ALA A 34 -0.78 10.57 15.47
C ALA A 34 -0.19 9.21 15.09
N GLU A 35 -1.03 8.18 15.07
CA GLU A 35 -0.53 6.83 14.77
C GLU A 35 -0.15 6.69 13.31
N PHE A 36 -0.94 7.26 12.40
CA PHE A 36 -0.56 7.22 11.00
C PHE A 36 0.75 7.96 10.75
N LEU A 37 0.94 9.10 11.43
CA LEU A 37 2.20 9.83 11.25
C LEU A 37 3.39 8.99 11.72
N LYS A 38 3.19 8.21 12.79
CA LYS A 38 4.25 7.32 13.27
C LYS A 38 4.61 6.26 12.24
N ARG A 39 3.66 5.86 11.39
CA ARG A 39 3.88 4.83 10.38
C ARG A 39 4.41 5.38 9.06
N GLY A 40 4.83 6.64 9.02
CA GLY A 40 5.36 7.19 7.80
C GLY A 40 4.33 7.67 6.79
N TRP A 41 3.08 7.82 7.19
CA TRP A 41 2.04 8.40 6.35
C TRP A 41 1.91 9.90 6.62
N ASP A 42 1.38 10.61 5.63
CA ASP A 42 0.90 11.97 5.79
C ASP A 42 -0.60 11.94 6.09
N VAL A 43 -1.09 12.99 6.74
CA VAL A 43 -2.48 13.06 7.18
C VAL A 43 -3.06 14.41 6.79
N VAL A 44 -4.22 14.40 6.16
CA VAL A 44 -5.08 15.58 6.10
C VAL A 44 -6.24 15.29 7.02
N GLY A 45 -6.32 16.00 8.13
CA GLY A 45 -7.34 15.76 9.16
C GLY A 45 -8.32 16.91 9.20
N THR A 46 -9.59 16.60 9.44
CA THR A 46 -10.58 17.66 9.51
C THR A 46 -11.04 17.91 10.93
N VAL A 47 -11.33 19.18 11.21
CA VAL A 47 -11.91 19.63 12.47
C VAL A 47 -13.09 20.52 12.15
N ARG A 48 -13.93 20.78 13.15
CA ARG A 48 -14.99 21.77 12.98
C ARG A 48 -14.44 23.17 13.25
N ALA A 49 -14.62 24.07 12.27
CA ALA A 49 -14.08 25.42 12.40
C ALA A 49 -14.53 26.09 13.68
N ASP A 50 -15.82 25.97 14.02
CA ASP A 50 -16.37 26.63 15.20
C ASP A 50 -15.82 26.06 16.50
N ARG A 51 -15.04 24.99 16.45
CA ARG A 51 -14.48 24.39 17.65
C ARG A 51 -13.17 25.03 18.08
N GLY A 52 -12.73 26.09 17.42
CA GLY A 52 -11.48 26.71 17.81
C GLY A 52 -10.32 25.73 17.75
N ARG A 53 -9.35 25.92 18.65
CA ARG A 53 -8.18 25.07 18.65
C ARG A 53 -8.52 23.71 19.25
N THR A 54 -7.90 22.67 18.70
CA THR A 54 -8.14 21.28 19.04
C THR A 54 -6.83 20.59 19.36
N PRO A 55 -6.88 19.39 19.95
CA PRO A 55 -5.65 18.60 20.12
C PRO A 55 -4.92 18.32 18.81
N LEU A 56 -5.65 18.28 17.69
CA LEU A 56 -5.00 18.09 16.41
C LEU A 56 -4.10 19.26 16.06
N HIS A 57 -4.48 20.48 16.46
CA HIS A 57 -3.61 21.64 16.23
C HIS A 57 -2.30 21.48 16.97
N ALA A 58 -2.33 20.95 18.20
CA ALA A 58 -1.10 20.72 18.92
C ALA A 58 -0.25 19.66 18.22
N LEU A 59 -0.89 18.61 17.70
CA LEU A 59 -0.17 17.59 16.94
C LEU A 59 0.46 18.17 15.68
N ALA A 60 -0.23 19.11 15.04
CA ALA A 60 0.30 19.75 13.84
C ALA A 60 1.57 20.55 14.12
N GLU A 61 1.72 21.05 15.35
CA GLU A 61 2.98 21.73 15.70
C GLU A 61 4.16 20.79 15.57
N ALA A 62 3.97 19.52 15.92
CA ALA A 62 5.05 18.55 15.93
C ALA A 62 5.33 17.95 14.56
N TYR A 63 4.35 17.99 13.65
CA TYR A 63 4.49 17.44 12.30
C TYR A 63 4.02 18.47 11.29
N PRO A 64 4.66 19.64 11.24
CA PRO A 64 4.11 20.73 10.41
C PRO A 64 4.16 20.47 8.91
N ASP A 65 5.02 19.56 8.45
CA ASP A 65 5.11 19.24 7.04
C ASP A 65 4.32 17.99 6.65
N ARG A 66 3.74 17.28 7.60
CA ARG A 66 3.09 16.01 7.33
C ARG A 66 1.64 15.94 7.74
N LEU A 67 1.18 16.84 8.60
CA LEU A 67 -0.22 16.90 9.01
C LEU A 67 -0.78 18.25 8.60
N ARG A 68 -1.82 18.24 7.78
CA ARG A 68 -2.51 19.44 7.40
C ARG A 68 -3.93 19.36 7.95
N ILE A 69 -4.46 20.50 8.41
CA ILE A 69 -5.80 20.55 9.02
C ILE A 69 -6.73 21.33 8.11
N GLU A 70 -7.90 20.74 7.81
CA GLU A 70 -8.96 21.40 7.06
C GLU A 70 -10.21 21.41 7.94
N THR A 71 -11.20 22.21 7.56
CA THR A 71 -12.42 22.33 8.36
CA THR A 71 -12.42 22.34 8.36
C THR A 71 -13.59 21.65 7.67
N LEU A 72 -14.45 21.03 8.48
CA LEU A 72 -15.63 20.35 7.98
C LEU A 72 -16.58 20.00 9.12
N ASP A 73 -17.82 20.47 9.04
CA ASP A 73 -18.92 19.98 9.85
C ASP A 73 -19.66 19.01 8.93
N ILE A 74 -19.57 17.71 9.22
CA ILE A 74 -20.13 16.71 8.31
C ILE A 74 -21.64 16.84 8.16
N THR A 75 -22.32 17.57 9.04
CA THR A 75 -23.77 17.72 8.89
C THR A 75 -24.16 18.82 7.93
N GLN A 76 -23.17 19.50 7.31
CA GLN A 76 -23.44 20.61 6.40
C GLN A 76 -22.99 20.20 5.01
N PRO A 77 -23.90 19.78 4.13
CA PRO A 77 -23.49 19.34 2.78
C PRO A 77 -22.65 20.35 2.02
N GLU A 78 -22.97 21.64 2.12
CA GLU A 78 -22.18 22.65 1.43
CA GLU A 78 -22.17 22.65 1.43
C GLU A 78 -20.72 22.61 1.87
N GLN A 79 -20.46 22.28 3.15
CA GLN A 79 -19.08 22.18 3.62
C GLN A 79 -18.39 20.93 3.10
N ILE A 80 -19.13 19.84 2.89
CA ILE A 80 -18.54 18.66 2.27
C ILE A 80 -18.12 18.98 0.84
N ARG A 81 -19.01 19.66 0.09
CA ARG A 81 -18.69 20.07 -1.27
C ARG A 81 -17.51 21.04 -1.29
N ALA A 82 -17.46 21.96 -0.33
CA ALA A 82 -16.33 22.89 -0.28
C ALA A 82 -15.02 22.16 -0.06
N LEU A 83 -15.00 21.18 0.84
CA LEU A 83 -13.80 20.38 1.05
C LEU A 83 -13.39 19.66 -0.23
N ALA A 84 -14.35 19.05 -0.93
CA ALA A 84 -14.02 18.38 -2.19
C ALA A 84 -13.35 19.33 -3.18
N ALA A 85 -13.84 20.57 -3.28
CA ALA A 85 -13.23 21.53 -4.19
C ALA A 85 -11.86 21.94 -3.70
N ARG A 86 -11.70 22.08 -2.37
CA ARG A 86 -10.43 22.49 -1.81
C ARG A 86 -9.37 21.43 -2.06
N LEU A 87 -9.75 20.16 -2.05
CA LEU A 87 -8.83 19.05 -2.25
C LEU A 87 -8.75 18.61 -3.71
N SER A 88 -9.22 19.45 -4.64
CA SER A 88 -9.18 19.16 -6.06
C SER A 88 -7.79 18.73 -6.48
N GLY A 89 -7.72 17.65 -7.26
CA GLY A 89 -6.45 17.12 -7.72
C GLY A 89 -5.70 16.27 -6.74
N ARG A 90 -6.11 16.22 -5.48
CA ARG A 90 -5.41 15.36 -4.52
CA ARG A 90 -5.46 15.38 -4.48
C ARG A 90 -5.96 13.95 -4.56
N VAL A 91 -5.05 13.00 -4.27
CA VAL A 91 -5.36 11.58 -4.24
C VAL A 91 -5.00 11.08 -2.84
N PHE A 92 -5.93 10.40 -2.20
CA PHE A 92 -5.73 9.86 -0.87
C PHE A 92 -5.84 8.35 -0.93
N ASP A 93 -4.82 7.67 -0.42
CA ASP A 93 -4.85 6.22 -0.38
C ASP A 93 -5.97 5.70 0.52
N ILE A 94 -6.28 6.43 1.59
CA ILE A 94 -7.33 6.06 2.53
C ILE A 94 -8.20 7.28 2.79
N LEU A 95 -9.51 7.09 2.76
CA LEU A 95 -10.47 8.05 3.32
C LEU A 95 -11.09 7.35 4.52
N PHE A 96 -11.00 7.97 5.70
CA PHE A 96 -11.60 7.38 6.90
C PHE A 96 -12.45 8.43 7.59
N VAL A 97 -13.73 8.12 7.80
CA VAL A 97 -14.67 9.01 8.47
C VAL A 97 -14.82 8.54 9.90
N ASN A 98 -14.23 9.29 10.83
CA ASN A 98 -14.29 8.93 12.25
C ASN A 98 -15.44 9.59 12.99
N ALA A 99 -15.78 10.82 12.59
CA ALA A 99 -16.77 11.64 13.29
C ALA A 99 -18.03 10.86 13.65
N GLY A 100 -18.43 10.98 14.92
CA GLY A 100 -19.68 10.44 15.46
C GLY A 100 -19.89 10.99 16.86
N THR A 101 -21.10 10.81 17.37
CA THR A 101 -21.45 11.33 18.68
C THR A 101 -22.53 10.44 19.30
N THR A 102 -23.11 10.88 20.41
CA THR A 102 -24.27 10.21 20.96
C THR A 102 -25.26 11.25 21.46
N ASN A 103 -26.45 10.77 21.85
CA ASN A 103 -27.51 11.69 22.25
C ASN A 103 -27.30 12.21 23.68
N PRO A 104 -27.98 13.30 24.04
CA PRO A 104 -27.71 13.93 25.35
C PRO A 104 -27.96 13.03 26.55
N ASP A 105 -28.97 12.16 26.50
CA ASP A 105 -29.25 11.22 27.58
C ASP A 105 -29.30 9.81 27.01
N PRO A 106 -28.16 9.12 26.93
CA PRO A 106 -28.14 7.77 26.34
C PRO A 106 -28.94 6.73 27.12
N THR A 107 -29.32 7.00 28.37
CA THR A 107 -30.13 6.05 29.11
C THR A 107 -31.60 6.04 28.67
N GLN A 108 -32.02 6.99 27.84
CA GLN A 108 -33.40 7.01 27.41
C GLN A 108 -33.67 5.86 26.43
N THR A 109 -34.85 5.26 26.56
CA THR A 109 -35.26 4.26 25.60
C THR A 109 -35.69 4.93 24.30
N ILE A 110 -35.85 4.12 23.25
CA ILE A 110 -36.33 4.67 21.99
C ILE A 110 -37.71 5.31 22.15
N GLY A 111 -38.54 4.79 23.05
CA GLY A 111 -39.85 5.37 23.30
C GLY A 111 -39.83 6.64 24.12
N GLU A 112 -38.68 7.01 24.67
CA GLU A 112 -38.54 8.19 25.50
C GLU A 112 -37.85 9.36 24.80
N VAL A 113 -36.98 9.10 23.83
CA VAL A 113 -36.19 10.18 23.24
C VAL A 113 -37.09 11.18 22.52
N SER A 114 -36.69 12.44 22.59
CA SER A 114 -37.40 13.47 21.85
C SER A 114 -37.16 13.28 20.36
N THR A 115 -38.11 13.78 19.57
CA THR A 115 -37.92 13.75 18.12
C THR A 115 -36.65 14.48 17.72
N ASP A 116 -36.37 15.63 18.35
CA ASP A 116 -35.16 16.38 18.06
C ASP A 116 -33.91 15.54 18.30
N ASP A 117 -33.84 14.83 19.44
CA ASP A 117 -32.66 14.02 19.70
C ASP A 117 -32.53 12.86 18.72
N PHE A 118 -33.66 12.25 18.34
CA PHE A 118 -33.61 11.18 17.35
C PHE A 118 -33.08 11.69 16.03
N VAL A 119 -33.63 12.81 15.56
CA VAL A 119 -33.23 13.38 14.27
C VAL A 119 -31.76 13.78 14.31
N ASP A 120 -31.33 14.47 15.38
CA ASP A 120 -29.96 14.94 15.45
C ASP A 120 -28.98 13.77 15.35
N LEU A 121 -29.23 12.70 16.10
CA LEU A 121 -28.27 11.60 16.10
C LEU A 121 -28.30 10.81 14.80
N MET A 122 -29.48 10.57 14.24
CA MET A 122 -29.51 9.86 12.96
CA MET A 122 -29.55 9.88 12.95
C MET A 122 -28.83 10.67 11.87
N ILE A 123 -28.97 12.00 11.89
CA ILE A 123 -28.27 12.83 10.91
C ILE A 123 -26.76 12.76 11.11
N THR A 124 -26.30 12.92 12.36
CA THR A 124 -24.85 13.01 12.58
C THR A 124 -24.16 11.66 12.37
N ASN A 125 -24.76 10.57 12.86
CA ASN A 125 -24.08 9.28 12.88
C ASN A 125 -24.33 8.40 11.66
N ALA A 126 -25.41 8.62 10.91
CA ALA A 126 -25.78 7.73 9.82
C ALA A 126 -25.82 8.46 8.49
N LEU A 127 -26.63 9.50 8.35
CA LEU A 127 -26.71 10.22 7.08
C LEU A 127 -25.37 10.86 6.74
N SER A 128 -24.80 11.58 7.70
CA SER A 128 -23.68 12.48 7.37
C SER A 128 -22.40 11.72 7.03
N PRO A 129 -22.01 10.66 7.75
CA PRO A 129 -20.81 9.92 7.31
C PRO A 129 -20.95 9.36 5.91
N MET A 130 -22.16 8.93 5.55
CA MET A 130 -22.38 8.42 4.21
C MET A 130 -22.27 9.53 3.16
N ARG A 131 -22.77 10.72 3.46
CA ARG A 131 -22.61 11.84 2.53
C ARG A 131 -21.15 12.17 2.33
N VAL A 132 -20.37 12.14 3.41
CA VAL A 132 -18.92 12.34 3.27
C VAL A 132 -18.32 11.28 2.35
N VAL A 133 -18.62 10.01 2.60
CA VAL A 133 -18.06 8.93 1.78
C VAL A 133 -18.46 9.10 0.32
N GLU A 134 -19.74 9.37 0.06
CA GLU A 134 -20.21 9.47 -1.32
CA GLU A 134 -20.19 9.45 -1.33
C GLU A 134 -19.57 10.64 -2.06
N THR A 135 -19.41 11.78 -1.37
CA THR A 135 -18.93 12.98 -2.03
C THR A 135 -17.42 12.96 -2.19
N LEU A 136 -16.70 12.36 -1.27
CA LEU A 136 -15.24 12.40 -1.29
C LEU A 136 -14.63 11.12 -1.87
N ALA A 137 -15.45 10.14 -2.24
CA ALA A 137 -14.93 8.88 -2.77
C ALA A 137 -14.05 9.10 -4.00
N GLY A 138 -14.36 10.12 -4.81
CA GLY A 138 -13.59 10.41 -6.01
C GLY A 138 -12.18 10.87 -5.75
N LEU A 139 -11.84 11.22 -4.51
CA LEU A 139 -10.48 11.58 -4.13
C LEU A 139 -9.63 10.37 -3.77
N VAL A 140 -10.23 9.18 -3.76
CA VAL A 140 -9.58 7.91 -3.44
C VAL A 140 -9.46 7.11 -4.73
N PRO A 141 -8.36 6.40 -4.97
CA PRO A 141 -8.26 5.57 -6.18
C PRO A 141 -9.32 4.48 -6.19
N ARG A 142 -9.60 3.96 -7.39
CA ARG A 142 -10.57 2.89 -7.53
C ARG A 142 -10.19 1.68 -6.70
N ASP A 143 -8.89 1.50 -6.44
CA ASP A 143 -8.39 0.39 -5.64
C ASP A 143 -7.96 0.85 -4.25
N GLY A 144 -8.45 2.00 -3.80
CA GLY A 144 -8.13 2.52 -2.49
C GLY A 144 -8.98 1.92 -1.39
N LEU A 145 -8.96 2.59 -0.24
CA LEU A 145 -9.64 2.11 0.95
C LEU A 145 -10.49 3.22 1.55
N ILE A 146 -11.77 2.93 1.79
CA ILE A 146 -12.70 3.85 2.44
C ILE A 146 -13.21 3.20 3.71
N GLY A 147 -13.04 3.87 4.83
CA GLY A 147 -13.47 3.34 6.10
C GLY A 147 -14.34 4.33 6.86
N ILE A 148 -15.16 3.79 7.76
CA ILE A 148 -15.98 4.59 8.66
C ILE A 148 -15.88 3.99 10.05
N MET A 149 -15.79 4.83 11.07
CA MET A 149 -15.83 4.34 12.44
C MET A 149 -17.28 4.02 12.79
N SER A 150 -17.57 2.75 12.99
CA SER A 150 -18.89 2.32 13.41
C SER A 150 -18.81 2.07 14.91
N SER A 151 -19.42 0.97 15.37
CA SER A 151 -19.33 0.57 16.76
C SER A 151 -19.82 -0.87 16.84
N GLY A 152 -19.26 -1.64 17.78
CA GLY A 152 -19.85 -2.93 18.09
C GLY A 152 -21.30 -2.83 18.51
N GLN A 153 -21.72 -1.65 19.00
CA GLN A 153 -23.11 -1.43 19.38
C GLN A 153 -24.04 -1.38 18.18
N GLY A 154 -23.49 -1.16 16.98
CA GLY A 154 -24.29 -1.20 15.79
C GLY A 154 -24.62 -2.58 15.26
N SER A 155 -23.98 -3.62 15.78
CA SER A 155 -24.29 -4.98 15.37
C SER A 155 -25.67 -5.38 15.85
N ILE A 156 -26.52 -5.82 14.93
CA ILE A 156 -27.86 -6.24 15.33
C ILE A 156 -27.82 -7.64 15.93
N ALA A 157 -27.07 -8.55 15.32
CA ALA A 157 -26.96 -9.91 15.85
C ALA A 157 -26.38 -9.92 17.27
N ASP A 158 -25.44 -9.00 17.56
CA ASP A 158 -24.82 -8.99 18.88
C ASP A 158 -25.65 -8.25 19.93
N ASN A 159 -26.77 -7.64 19.55
CA ASN A 159 -27.56 -6.84 20.51
C ASN A 159 -28.47 -7.74 21.35
N GLU A 160 -27.87 -8.31 22.40
CA GLU A 160 -28.60 -9.15 23.34
C GLU A 160 -29.04 -8.40 24.60
N SER A 161 -28.42 -7.25 24.88
CA SER A 161 -28.58 -6.57 26.17
C SER A 161 -29.14 -5.16 26.06
N GLY A 162 -29.31 -4.65 24.85
CA GLY A 162 -29.83 -3.30 24.71
C GLY A 162 -28.90 -2.28 25.34
N GLN A 163 -29.51 -1.25 25.95
CA GLN A 163 -28.85 -0.03 26.43
C GLN A 163 -28.37 0.83 25.26
N ARG A 164 -28.08 2.10 25.54
CA ARG A 164 -27.62 3.05 24.51
C ARG A 164 -28.51 2.96 23.27
N GLU A 165 -29.82 2.98 23.49
CA GLU A 165 -30.76 2.53 22.46
C GLU A 165 -30.68 3.38 21.20
N LEU A 166 -30.70 4.71 21.36
CA LEU A 166 -30.69 5.55 20.18
C LEU A 166 -29.36 5.42 19.44
N TYR A 167 -28.24 5.39 20.15
CA TYR A 167 -26.96 5.24 19.49
C TYR A 167 -26.87 3.93 18.73
N ARG A 168 -27.35 2.83 19.33
CA ARG A 168 -27.32 1.54 18.66
C ARG A 168 -28.04 1.60 17.31
N GLY A 169 -29.22 2.22 17.28
CA GLY A 169 -29.94 2.30 16.02
C GLY A 169 -29.22 3.14 15.00
N SER A 170 -28.56 4.22 15.45
CA SER A 170 -27.83 5.08 14.52
C SER A 170 -26.67 4.33 13.86
N LYS A 171 -25.99 3.47 14.62
CA LYS A 171 -24.86 2.75 14.04
C LYS A 171 -25.30 1.54 13.20
N ALA A 172 -26.42 0.89 13.57
CA ALA A 172 -27.01 -0.13 12.71
C ALA A 172 -27.42 0.46 11.36
N ALA A 173 -28.05 1.65 11.37
CA ALA A 173 -28.42 2.28 10.11
C ALA A 173 -27.20 2.60 9.28
N LEU A 174 -26.15 3.14 9.93
CA LEU A 174 -24.90 3.42 9.24
C LEU A 174 -24.36 2.18 8.55
N ASN A 175 -24.30 1.05 9.28
CA ASN A 175 -23.75 -0.18 8.72
C ASN A 175 -24.56 -0.64 7.52
N GLN A 176 -25.89 -0.59 7.62
CA GLN A 176 -26.72 -0.96 6.47
C GLN A 176 -26.47 -0.04 5.29
N PHE A 177 -26.40 1.28 5.55
CA PHE A 177 -26.13 2.21 4.45
C PHE A 177 -24.81 1.88 3.76
N MET A 178 -23.79 1.54 4.55
CA MET A 178 -22.49 1.22 3.96
C MET A 178 -22.54 -0.09 3.18
N ARG A 179 -23.34 -1.07 3.63
CA ARG A 179 -23.47 -2.29 2.84
C ARG A 179 -24.04 -1.98 1.46
N SER A 180 -25.01 -1.08 1.37
CA SER A 180 -25.55 -0.75 0.05
C SER A 180 -24.54 0.00 -0.79
N PHE A 181 -23.79 0.93 -0.18
CA PHE A 181 -22.70 1.59 -0.90
C PHE A 181 -21.72 0.56 -1.44
N ALA A 182 -21.39 -0.45 -0.63
CA ALA A 182 -20.46 -1.48 -1.06
C ALA A 182 -21.02 -2.28 -2.24
N ALA A 183 -22.32 -2.56 -2.24
CA ALA A 183 -22.92 -3.28 -3.36
C ALA A 183 -22.74 -2.52 -4.67
N ARG A 184 -22.83 -1.19 -4.63
CA ARG A 184 -22.62 -0.40 -5.84
CA ARG A 184 -22.62 -0.40 -5.84
C ARG A 184 -21.19 -0.45 -6.33
N HIS A 185 -20.26 -0.92 -5.50
CA HIS A 185 -18.85 -1.02 -5.84
C HIS A 185 -18.39 -2.47 -6.00
N ALA A 186 -19.34 -3.41 -6.13
CA ALA A 186 -19.02 -4.83 -6.08
C ALA A 186 -18.11 -5.26 -7.23
N GLN A 187 -18.16 -4.56 -8.37
CA GLN A 187 -17.34 -4.92 -9.51
C GLN A 187 -16.05 -4.10 -9.61
N THR A 188 -15.61 -3.51 -8.51
CA THR A 188 -14.41 -2.69 -8.47
C THR A 188 -13.50 -3.21 -7.38
N PRO A 189 -12.22 -2.84 -7.40
CA PRO A 189 -11.31 -3.35 -6.37
C PRO A 189 -11.32 -2.52 -5.10
N LEU A 190 -12.35 -1.70 -4.90
CA LEU A 190 -12.38 -0.82 -3.74
C LEU A 190 -12.45 -1.63 -2.45
N ALA A 191 -11.56 -1.30 -1.51
CA ALA A 191 -11.61 -1.88 -0.17
C ALA A 191 -12.40 -0.95 0.75
N MET A 192 -13.20 -1.55 1.63
CA MET A 192 -14.08 -0.80 2.53
C MET A 192 -14.14 -1.46 3.89
N VAL A 193 -14.23 -0.66 4.95
CA VAL A 193 -14.28 -1.23 6.29
C VAL A 193 -15.13 -0.34 7.19
N LEU A 194 -15.93 -1.00 8.03
CA LEU A 194 -16.56 -0.39 9.20
C LEU A 194 -15.81 -0.90 10.42
N ILE A 195 -15.29 0.03 11.22
CA ILE A 195 -14.43 -0.31 12.35
C ILE A 195 -15.20 -0.25 13.67
N ALA A 196 -15.06 -1.30 14.46
CA ALA A 196 -15.52 -1.30 15.84
C ALA A 196 -14.29 -1.15 16.73
N PRO A 197 -14.04 0.01 17.33
CA PRO A 197 -12.76 0.24 18.02
C PRO A 197 -12.68 -0.28 19.43
N GLY A 198 -13.75 -0.86 19.96
CA GLY A 198 -13.81 -1.19 21.37
C GLY A 198 -14.33 -0.04 22.19
N TRP A 199 -14.61 -0.33 23.45
CA TRP A 199 -15.10 0.66 24.40
C TRP A 199 -13.90 1.38 25.00
N VAL A 200 -13.68 2.63 24.58
CA VAL A 200 -12.44 3.36 24.81
C VAL A 200 -12.70 4.58 25.68
N ARG A 201 -11.76 4.87 26.58
CA ARG A 201 -11.86 5.99 27.51
C ARG A 201 -11.60 7.34 26.82
N THR A 202 -12.54 7.75 26.00
CA THR A 202 -12.61 9.10 25.45
C THR A 202 -13.78 9.82 26.12
N GLU A 203 -13.99 11.07 25.74
CA GLU A 203 -15.13 11.81 26.27
C GLU A 203 -16.44 11.11 25.95
N LEU A 204 -16.50 10.38 24.82
CA LEU A 204 -17.70 9.63 24.48
C LEU A 204 -17.77 8.31 25.25
N GLY A 205 -16.66 7.59 25.36
CA GLY A 205 -16.67 6.32 26.06
C GLY A 205 -16.88 6.46 27.55
N GLY A 206 -16.35 7.52 28.14
CA GLY A 206 -16.50 7.76 29.56
C GLY A 206 -15.38 7.17 30.38
N PRO A 207 -15.29 7.56 31.66
CA PRO A 207 -14.19 7.08 32.50
C PRO A 207 -14.26 5.60 32.84
N ASP A 208 -15.41 4.95 32.66
CA ASP A 208 -15.57 3.55 32.99
C ASP A 208 -15.23 2.61 31.85
N ALA A 209 -14.90 3.14 30.67
CA ALA A 209 -14.63 2.32 29.52
C ALA A 209 -13.44 1.39 29.77
N ARG A 210 -13.40 0.28 29.02
CA ARG A 210 -12.45 -0.79 29.31
C ARG A 210 -11.05 -0.51 28.77
N LEU A 211 -10.95 0.18 27.64
CA LEU A 211 -9.68 0.33 26.93
C LEU A 211 -9.19 1.76 27.00
N SER A 212 -7.87 1.92 27.11
CA SER A 212 -7.26 3.21 26.85
C SER A 212 -7.19 3.43 25.35
N ILE A 213 -7.00 4.69 24.97
CA ILE A 213 -6.88 5.01 23.55
C ILE A 213 -5.72 4.24 22.92
N ASP A 214 -4.60 4.13 23.64
CA ASP A 214 -3.42 3.45 23.09
C ASP A 214 -3.60 1.95 22.99
N GLU A 215 -4.58 1.38 23.67
CA GLU A 215 -4.87 -0.04 23.54
C GLU A 215 -5.76 -0.34 22.33
N SER A 216 -6.37 0.67 21.75
CA SER A 216 -7.31 0.52 20.64
C SER A 216 -6.73 1.01 19.32
N VAL A 217 -6.12 2.19 19.31
CA VAL A 217 -5.80 2.88 18.06
C VAL A 217 -4.71 2.18 17.26
N PRO A 218 -3.62 1.69 17.86
CA PRO A 218 -2.64 0.93 17.07
C PRO A 218 -3.26 -0.25 16.34
N GLY A 219 -4.20 -0.94 16.98
CA GLY A 219 -4.87 -2.04 16.30
C GLY A 219 -5.77 -1.58 15.18
N VAL A 220 -6.49 -0.47 15.37
CA VAL A 220 -7.31 0.08 14.29
C VAL A 220 -6.45 0.38 13.07
N VAL A 221 -5.30 1.01 13.30
CA VAL A 221 -4.43 1.37 12.19
C VAL A 221 -3.83 0.12 11.55
N ASP A 222 -3.49 -0.88 12.37
CA ASP A 222 -3.07 -2.17 11.84
C ASP A 222 -4.13 -2.75 10.91
N VAL A 223 -5.39 -2.74 11.35
CA VAL A 223 -6.49 -3.27 10.54
C VAL A 223 -6.58 -2.51 9.22
N LEU A 224 -6.54 -1.17 9.29
CA LEU A 224 -6.64 -0.37 8.07
C LEU A 224 -5.52 -0.69 7.09
N LEU A 225 -4.27 -0.72 7.57
CA LEU A 225 -3.15 -0.98 6.67
C LEU A 225 -3.19 -2.39 6.09
N ALA A 226 -3.73 -3.35 6.84
CA ALA A 226 -3.85 -4.72 6.34
C ALA A 226 -5.06 -4.91 5.43
N LYS A 227 -6.08 -4.06 5.57
CA LYS A 227 -7.26 -4.10 4.69
C LYS A 227 -6.97 -3.44 3.35
N ARG A 228 -6.02 -2.52 3.29
CA ARG A 228 -5.63 -1.90 2.02
C ARG A 228 -5.22 -2.99 1.05
N GLY A 229 -5.90 -3.06 -0.10
CA GLY A 229 -5.61 -4.06 -1.11
C GLY A 229 -6.49 -5.29 -1.07
N ARG A 230 -7.45 -5.37 -0.15
CA ARG A 230 -8.38 -6.49 -0.07
CA ARG A 230 -8.38 -6.49 -0.07
C ARG A 230 -9.79 -5.95 -0.34
N ALA A 231 -10.24 -6.09 -1.59
CA ALA A 231 -11.49 -5.48 -2.02
C ALA A 231 -12.69 -5.99 -1.25
N GLY A 232 -13.73 -5.15 -1.20
CA GLY A 232 -14.97 -5.48 -0.54
C GLY A 232 -15.06 -4.87 0.85
N LEU A 233 -16.27 -4.90 1.39
CA LEU A 233 -16.57 -4.34 2.70
C LEU A 233 -16.51 -5.42 3.78
N GLU A 234 -15.81 -5.11 4.87
CA GLU A 234 -15.83 -5.93 6.06
C GLU A 234 -16.16 -5.06 7.26
N TYR A 235 -16.71 -5.70 8.29
CA TYR A 235 -17.02 -5.11 9.59
C TYR A 235 -16.02 -5.73 10.54
N LEU A 236 -15.04 -4.95 10.99
CA LEU A 236 -13.89 -5.49 11.72
C LEU A 236 -13.66 -4.70 13.01
N ASP A 237 -13.25 -5.40 14.07
CA ASP A 237 -12.90 -4.69 15.30
C ASP A 237 -11.41 -4.36 15.34
N TYR A 238 -10.99 -3.68 16.40
CA TYR A 238 -9.61 -3.23 16.53
C TYR A 238 -8.61 -4.38 16.62
N ARG A 239 -9.08 -5.61 16.81
CA ARG A 239 -8.23 -6.79 16.83
C ARG A 239 -8.26 -7.54 15.51
N GLY A 240 -8.93 -6.99 14.51
CA GLY A 240 -9.08 -7.66 13.23
C GLY A 240 -10.15 -8.73 13.19
N ARG A 241 -10.95 -8.88 14.25
CA ARG A 241 -12.00 -9.87 14.25
C ARG A 241 -13.22 -9.37 13.48
N THR A 242 -13.86 -10.29 12.77
CA THR A 242 -15.11 -9.97 12.08
C THR A 242 -16.21 -9.76 13.10
N VAL A 243 -16.98 -8.68 12.95
CA VAL A 243 -18.13 -8.41 13.79
C VAL A 243 -19.38 -8.83 13.03
N ARG A 244 -20.26 -9.58 13.67
CA ARG A 244 -21.51 -9.98 13.03
C ARG A 244 -22.37 -8.76 12.73
N TRP A 245 -23.07 -8.81 11.61
CA TRP A 245 -23.90 -7.67 11.22
C TRP A 245 -25.07 -7.46 12.19
N PRO B 15 -4.69 -15.41 1.85
CA PRO B 15 -3.54 -16.16 2.34
C PRO B 15 -2.64 -16.65 1.21
N ARG B 16 -2.99 -16.31 -0.02
CA ARG B 16 -2.20 -16.74 -1.16
C ARG B 16 -0.78 -16.17 -1.07
N PRO B 17 0.23 -16.94 -1.44
CA PRO B 17 1.60 -16.40 -1.47
C PRO B 17 1.68 -15.22 -2.42
N THR B 18 2.51 -14.24 -2.08
CA THR B 18 2.56 -12.97 -2.81
C THR B 18 4.00 -12.62 -3.12
N ILE B 19 4.24 -12.20 -4.36
CA ILE B 19 5.53 -11.66 -4.76
C ILE B 19 5.39 -10.15 -4.94
N LEU B 20 6.35 -9.41 -4.40
CA LEU B 20 6.47 -7.98 -4.64
C LEU B 20 7.45 -7.83 -5.79
N LEU B 21 6.95 -7.44 -6.95
CA LEU B 21 7.72 -7.42 -8.18
C LEU B 21 7.93 -5.97 -8.59
N VAL B 22 9.15 -5.50 -8.42
CA VAL B 22 9.46 -4.08 -8.68
C VAL B 22 9.92 -3.93 -10.12
N GLY B 23 9.16 -3.16 -10.90
CA GLY B 23 9.47 -2.98 -12.32
C GLY B 23 8.75 -4.03 -13.13
N ALA B 24 7.43 -3.95 -13.18
CA ALA B 24 6.61 -5.00 -13.82
C ALA B 24 5.75 -4.49 -14.96
N SER B 25 6.00 -3.27 -15.45
CA SER B 25 5.14 -2.65 -16.44
C SER B 25 5.12 -3.40 -17.76
N ARG B 26 6.25 -3.98 -18.17
CA ARG B 26 6.38 -4.54 -19.51
C ARG B 26 7.56 -5.51 -19.50
N GLY B 27 7.83 -6.12 -20.65
CA GLY B 27 9.02 -6.94 -20.81
C GLY B 27 9.03 -8.15 -19.88
N LEU B 28 10.23 -8.47 -19.38
CA LEU B 28 10.37 -9.61 -18.49
C LEU B 28 9.55 -9.46 -17.22
N GLY B 29 9.52 -8.25 -16.63
CA GLY B 29 8.79 -8.07 -15.38
C GLY B 29 7.31 -8.34 -15.52
N HIS B 30 6.70 -7.81 -16.58
CA HIS B 30 5.30 -8.10 -16.85
C HIS B 30 5.08 -9.60 -17.07
N ALA B 31 5.96 -10.24 -17.85
CA ALA B 31 5.82 -11.68 -18.09
C ALA B 31 5.95 -12.47 -16.78
N MET B 32 6.83 -12.02 -15.89
CA MET B 32 6.97 -12.69 -14.60
C MET B 32 5.69 -12.57 -13.79
N ALA B 33 5.07 -11.39 -13.80
CA ALA B 33 3.79 -11.24 -13.11
C ALA B 33 2.75 -12.21 -13.69
N ALA B 34 2.66 -12.29 -15.01
CA ALA B 34 1.70 -13.20 -15.61
C ALA B 34 1.98 -14.64 -15.22
N GLU B 35 3.26 -15.01 -15.14
CA GLU B 35 3.62 -16.39 -14.86
C GLU B 35 3.34 -16.76 -13.41
N PHE B 36 3.67 -15.86 -12.47
CA PHE B 36 3.31 -16.12 -11.07
C PHE B 36 1.80 -16.23 -10.89
N LEU B 37 1.03 -15.37 -11.57
CA LEU B 37 -0.43 -15.46 -11.48
C LEU B 37 -0.94 -16.81 -11.98
N LYS B 38 -0.36 -17.32 -13.07
CA LYS B 38 -0.75 -18.63 -13.55
C LYS B 38 -0.37 -19.76 -12.60
N ARG B 39 0.62 -19.55 -11.74
CA ARG B 39 1.01 -20.56 -10.77
C ARG B 39 0.31 -20.40 -9.42
N GLY B 40 -0.69 -19.53 -9.36
CA GLY B 40 -1.53 -19.46 -8.18
C GLY B 40 -1.08 -18.47 -7.14
N TRP B 41 -0.11 -17.63 -7.45
CA TRP B 41 0.37 -16.60 -6.55
C TRP B 41 -0.36 -15.27 -6.80
N ASP B 42 -0.37 -14.44 -5.76
CA ASP B 42 -0.74 -13.05 -5.92
C ASP B 42 0.52 -12.23 -6.23
N VAL B 43 0.31 -11.08 -6.86
CA VAL B 43 1.41 -10.23 -7.30
C VAL B 43 1.08 -8.79 -6.92
N VAL B 44 2.04 -8.13 -6.29
CA VAL B 44 2.03 -6.67 -6.22
C VAL B 44 3.15 -6.20 -7.13
N GLY B 45 2.81 -5.58 -8.25
CA GLY B 45 3.79 -5.13 -9.21
C GLY B 45 3.85 -3.62 -9.27
N THR B 46 5.04 -3.08 -9.53
CA THR B 46 5.19 -1.64 -9.58
C THR B 46 5.39 -1.17 -11.01
N VAL B 47 4.89 0.04 -11.25
CA VAL B 47 5.09 0.77 -12.50
C VAL B 47 5.53 2.19 -12.15
N ARG B 48 6.11 2.87 -13.13
CA ARG B 48 6.40 4.29 -12.98
C ARG B 48 5.16 5.12 -13.33
N ALA B 49 4.97 6.21 -12.58
CA ALA B 49 3.78 7.02 -12.76
C ALA B 49 3.68 7.64 -14.16
N ASP B 50 4.81 7.84 -14.83
CA ASP B 50 4.83 8.59 -16.08
C ASP B 50 4.49 7.78 -17.32
N ARG B 51 4.47 6.45 -17.24
CA ARG B 51 4.37 5.62 -18.44
C ARG B 51 2.95 5.44 -18.98
N GLY B 52 1.97 6.15 -18.43
CA GLY B 52 0.60 5.95 -18.89
C GLY B 52 0.14 4.53 -18.63
N ARG B 53 -0.59 3.98 -19.60
CA ARG B 53 -1.11 2.62 -19.49
C ARG B 53 -0.09 1.62 -20.05
N THR B 54 0.09 0.52 -19.33
CA THR B 54 1.13 -0.46 -19.59
C THR B 54 0.52 -1.84 -19.76
N PRO B 55 1.29 -2.80 -20.28
CA PRO B 55 0.82 -4.19 -20.24
C PRO B 55 0.38 -4.66 -18.86
N LEU B 56 1.01 -4.18 -17.79
CA LEU B 56 0.59 -4.61 -16.46
C LEU B 56 -0.82 -4.12 -16.13
N HIS B 57 -1.19 -2.91 -16.58
CA HIS B 57 -2.55 -2.46 -16.36
C HIS B 57 -3.56 -3.38 -17.06
N ALA B 58 -3.25 -3.81 -18.29
CA ALA B 58 -4.12 -4.77 -18.98
C ALA B 58 -4.19 -6.08 -18.22
N LEU B 59 -3.07 -6.53 -17.67
CA LEU B 59 -3.06 -7.79 -16.92
C LEU B 59 -3.92 -7.67 -15.66
N ALA B 60 -3.88 -6.51 -15.00
CA ALA B 60 -4.66 -6.33 -13.78
C ALA B 60 -6.16 -6.40 -14.05
N GLU B 61 -6.60 -6.10 -15.27
CA GLU B 61 -8.01 -6.26 -15.61
C GLU B 61 -8.40 -7.73 -15.73
N ALA B 62 -7.46 -8.59 -16.11
CA ALA B 62 -7.73 -10.02 -16.18
C ALA B 62 -7.67 -10.68 -14.80
N TYR B 63 -6.89 -10.12 -13.88
CA TYR B 63 -6.74 -10.65 -12.53
C TYR B 63 -7.06 -9.56 -11.51
N PRO B 64 -8.31 -9.10 -11.46
CA PRO B 64 -8.62 -7.90 -10.65
C PRO B 64 -8.43 -8.09 -9.15
N ASP B 65 -8.53 -9.32 -8.64
CA ASP B 65 -8.38 -9.56 -7.21
C ASP B 65 -7.02 -10.12 -6.83
N ARG B 66 -6.16 -10.40 -7.81
CA ARG B 66 -4.90 -11.07 -7.53
C ARG B 66 -3.67 -10.27 -7.92
N LEU B 67 -3.80 -9.26 -8.77
CA LEU B 67 -2.72 -8.39 -9.15
C LEU B 67 -3.06 -6.97 -8.69
N ARG B 68 -2.19 -6.40 -7.87
CA ARG B 68 -2.27 -4.99 -7.48
C ARG B 68 -1.09 -4.23 -8.07
N ILE B 69 -1.35 -3.01 -8.53
CA ILE B 69 -0.33 -2.15 -9.13
C ILE B 69 -0.04 -1.00 -8.17
N GLU B 70 1.24 -0.81 -7.84
CA GLU B 70 1.72 0.32 -7.05
C GLU B 70 2.68 1.11 -7.92
N THR B 71 2.99 2.34 -7.52
CA THR B 71 3.87 3.20 -8.28
CA THR B 71 3.87 3.20 -8.29
C THR B 71 5.23 3.30 -7.63
N LEU B 72 6.28 3.29 -8.45
CA LEU B 72 7.65 3.45 -7.97
C LEU B 72 8.62 3.70 -9.10
N ASP B 73 9.33 4.82 -9.02
CA ASP B 73 10.54 5.04 -9.80
C ASP B 73 11.68 4.74 -8.84
N ILE B 74 12.43 3.66 -9.13
CA ILE B 74 13.44 3.22 -8.16
C ILE B 74 14.54 4.24 -7.93
N THR B 75 14.71 5.21 -8.83
CA THR B 75 15.77 6.21 -8.66
C THR B 75 15.38 7.33 -7.71
N GLN B 76 14.17 7.29 -7.13
CA GLN B 76 13.68 8.33 -6.22
C GLN B 76 13.54 7.74 -4.82
N PRO B 77 14.51 7.96 -3.93
CA PRO B 77 14.45 7.35 -2.59
C PRO B 77 13.17 7.65 -1.81
N GLU B 78 12.61 8.85 -1.97
CA GLU B 78 11.34 9.17 -1.32
C GLU B 78 10.22 8.23 -1.79
N GLN B 79 10.26 7.82 -3.05
CA GLN B 79 9.23 6.91 -3.53
C GLN B 79 9.45 5.49 -2.99
N ILE B 80 10.69 5.10 -2.77
CA ILE B 80 10.95 3.80 -2.15
C ILE B 80 10.36 3.79 -0.74
N ARG B 81 10.64 4.86 0.02
CA ARG B 81 10.10 4.96 1.38
C ARG B 81 8.57 5.03 1.36
N ALA B 82 8.00 5.72 0.37
CA ALA B 82 6.55 5.81 0.28
C ALA B 82 5.93 4.43 0.03
N LEU B 83 6.55 3.63 -0.85
CA LEU B 83 6.07 2.27 -1.05
C LEU B 83 6.18 1.45 0.22
N ALA B 84 7.30 1.59 0.95
CA ALA B 84 7.44 0.86 2.20
C ALA B 84 6.32 1.21 3.18
N ALA B 85 5.96 2.49 3.24
CA ALA B 85 4.88 2.89 4.14
C ALA B 85 3.53 2.35 3.67
N ARG B 86 3.29 2.35 2.35
CA ARG B 86 2.03 1.84 1.83
C ARG B 86 1.85 0.37 2.13
N LEU B 87 2.95 -0.39 2.08
CA LEU B 87 2.92 -1.84 2.19
C LEU B 87 3.25 -2.35 3.58
N SER B 88 3.30 -1.46 4.58
CA SER B 88 3.78 -1.87 5.89
C SER B 88 2.87 -2.88 6.57
N GLY B 89 1.61 -2.98 6.14
CA GLY B 89 0.71 -4.01 6.63
C GLY B 89 0.65 -5.26 5.78
N ARG B 90 1.71 -5.54 5.02
CA ARG B 90 1.76 -6.72 4.15
C ARG B 90 3.08 -7.46 4.30
N VAL B 91 3.04 -8.77 4.02
CA VAL B 91 4.21 -9.63 4.02
C VAL B 91 4.31 -10.29 2.66
N PHE B 92 5.53 -10.39 2.12
CA PHE B 92 5.77 -10.94 0.80
C PHE B 92 6.75 -12.10 0.87
N ASP B 93 6.36 -13.24 0.28
CA ASP B 93 7.23 -14.40 0.24
C ASP B 93 8.49 -14.14 -0.57
N ILE B 94 8.38 -13.32 -1.63
CA ILE B 94 9.49 -13.00 -2.50
C ILE B 94 9.46 -11.50 -2.76
N LEU B 95 10.62 -10.86 -2.71
CA LEU B 95 10.81 -9.52 -3.25
C LEU B 95 11.73 -9.68 -4.44
N PHE B 96 11.30 -9.21 -5.61
CA PHE B 96 12.13 -9.32 -6.80
C PHE B 96 12.23 -7.96 -7.48
N VAL B 97 13.45 -7.46 -7.65
CA VAL B 97 13.68 -6.17 -8.29
C VAL B 97 14.09 -6.45 -9.73
N ASN B 98 13.14 -6.31 -10.65
CA ASN B 98 13.40 -6.52 -12.07
C ASN B 98 13.92 -5.27 -12.76
N ALA B 99 13.50 -4.09 -12.28
CA ALA B 99 13.74 -2.83 -12.99
C ALA B 99 15.22 -2.66 -13.35
N GLY B 100 15.43 -2.28 -14.61
CA GLY B 100 16.77 -1.98 -15.11
C GLY B 100 16.66 -1.47 -16.53
N THR B 101 17.72 -0.82 -16.98
CA THR B 101 17.70 -0.25 -18.33
C THR B 101 19.10 -0.31 -18.91
N THR B 102 19.29 0.38 -20.04
CA THR B 102 20.64 0.59 -20.57
C THR B 102 20.80 2.06 -20.95
N ASN B 103 22.04 2.45 -21.25
CA ASN B 103 22.30 3.84 -21.59
C ASN B 103 21.79 4.16 -23.00
N PRO B 104 21.59 5.45 -23.31
CA PRO B 104 21.09 5.81 -24.65
C PRO B 104 21.87 5.21 -25.80
N ASP B 105 23.20 5.18 -25.73
CA ASP B 105 24.01 4.66 -26.84
C ASP B 105 24.94 3.58 -26.33
N PRO B 106 24.46 2.33 -26.25
CA PRO B 106 25.29 1.24 -25.75
C PRO B 106 26.54 0.94 -26.57
N THR B 107 26.62 1.42 -27.82
CA THR B 107 27.82 1.20 -28.61
C THR B 107 28.99 2.06 -28.15
N GLN B 108 28.73 3.09 -27.36
CA GLN B 108 29.81 3.93 -26.88
C GLN B 108 30.69 3.14 -25.91
N THR B 109 32.00 3.33 -26.03
CA THR B 109 32.89 2.77 -25.03
C THR B 109 32.81 3.58 -23.74
N ILE B 110 33.39 3.02 -22.67
CA ILE B 110 33.42 3.75 -21.41
C ILE B 110 34.12 5.10 -21.56
N GLY B 111 35.12 5.19 -22.44
CA GLY B 111 35.80 6.45 -22.69
C GLY B 111 35.04 7.43 -23.54
N GLU B 112 33.90 7.02 -24.11
CA GLU B 112 33.09 7.90 -24.93
C GLU B 112 31.81 8.39 -24.25
N VAL B 113 31.30 7.67 -23.25
CA VAL B 113 30.01 8.03 -22.67
C VAL B 113 30.10 9.37 -21.96
N SER B 114 29.00 10.12 -22.01
CA SER B 114 28.92 11.35 -21.25
C SER B 114 28.86 11.02 -19.76
N THR B 115 29.29 11.99 -18.95
CA THR B 115 29.18 11.86 -17.50
C THR B 115 27.74 11.65 -17.09
N ASP B 116 26.81 12.39 -17.71
CA ASP B 116 25.39 12.22 -17.38
C ASP B 116 24.93 10.78 -17.64
N ASP B 117 25.34 10.20 -18.78
CA ASP B 117 24.90 8.84 -19.07
C ASP B 117 25.53 7.84 -18.12
N PHE B 118 26.80 8.03 -17.80
CA PHE B 118 27.44 7.17 -16.80
C PHE B 118 26.69 7.24 -15.47
N VAL B 119 26.46 8.45 -14.97
CA VAL B 119 25.76 8.63 -13.70
C VAL B 119 24.37 8.00 -13.75
N ASP B 120 23.62 8.29 -14.81
CA ASP B 120 22.24 7.81 -14.90
C ASP B 120 22.17 6.29 -14.84
N LEU B 121 23.02 5.60 -15.61
CA LEU B 121 22.95 4.15 -15.62
C LEU B 121 23.47 3.54 -14.32
N MET B 122 24.55 4.09 -13.75
CA MET B 122 25.01 3.54 -12.49
CA MET B 122 25.03 3.57 -12.48
C MET B 122 23.97 3.72 -11.39
N ILE B 123 23.28 4.85 -11.38
CA ILE B 123 22.22 5.06 -10.39
C ILE B 123 21.06 4.10 -10.64
N THR B 124 20.61 3.99 -11.88
CA THR B 124 19.42 3.18 -12.17
C THR B 124 19.68 1.70 -11.95
N ASN B 125 20.85 1.21 -12.41
CA ASN B 125 21.08 -0.23 -12.48
C ASN B 125 21.82 -0.81 -11.27
N ALA B 126 22.52 0.03 -10.51
CA ALA B 126 23.36 -0.46 -9.43
C ALA B 126 22.94 0.10 -8.08
N LEU B 127 22.93 1.43 -7.92
CA LEU B 127 22.57 2.00 -6.63
C LEU B 127 21.10 1.73 -6.32
N SER B 128 20.23 1.96 -7.30
CA SER B 128 18.79 1.98 -7.01
C SER B 128 18.22 0.61 -6.68
N PRO B 129 18.52 -0.47 -7.42
CA PRO B 129 18.03 -1.78 -6.97
C PRO B 129 18.50 -2.13 -5.58
N MET B 130 19.72 -1.72 -5.21
CA MET B 130 20.19 -1.99 -3.86
C MET B 130 19.42 -1.20 -2.81
N ARG B 131 19.09 0.07 -3.09
CA ARG B 131 18.27 0.81 -2.15
C ARG B 131 16.89 0.18 -2.00
N VAL B 132 16.34 -0.34 -3.09
CA VAL B 132 15.05 -1.03 -3.01
C VAL B 132 15.14 -2.25 -2.08
N VAL B 133 16.14 -3.10 -2.30
CA VAL B 133 16.25 -4.28 -1.45
CA VAL B 133 16.32 -4.29 -1.46
C VAL B 133 16.54 -3.89 -0.01
N GLU B 134 17.40 -2.90 0.23
CA GLU B 134 17.71 -2.53 1.60
C GLU B 134 16.50 -1.98 2.33
N THR B 135 15.66 -1.23 1.62
CA THR B 135 14.53 -0.55 2.26
C THR B 135 13.33 -1.47 2.41
N LEU B 136 13.13 -2.40 1.48
CA LEU B 136 11.95 -3.25 1.46
C LEU B 136 12.21 -4.66 1.99
N ALA B 137 13.46 -4.96 2.38
CA ALA B 137 13.77 -6.29 2.91
C ALA B 137 12.91 -6.65 4.11
N GLY B 138 12.49 -5.64 4.88
CA GLY B 138 11.65 -5.90 6.04
C GLY B 138 10.27 -6.42 5.71
N LEU B 139 9.83 -6.28 4.46
CA LEU B 139 8.55 -6.79 4.03
C LEU B 139 8.61 -8.27 3.68
N VAL B 140 9.79 -8.89 3.77
CA VAL B 140 10.00 -10.29 3.43
C VAL B 140 10.39 -10.99 4.73
N PRO B 141 9.91 -12.21 4.99
CA PRO B 141 10.32 -12.91 6.21
C PRO B 141 11.83 -13.13 6.25
N ARG B 142 12.35 -13.39 7.45
CA ARG B 142 13.80 -13.58 7.54
C ARG B 142 14.27 -14.84 6.82
N ASP B 143 13.37 -15.80 6.60
CA ASP B 143 13.64 -16.96 5.76
C ASP B 143 13.10 -16.81 4.35
N GLY B 144 12.80 -15.59 3.91
CA GLY B 144 12.24 -15.34 2.60
C GLY B 144 13.29 -15.26 1.51
N LEU B 145 12.87 -14.75 0.34
CA LEU B 145 13.72 -14.69 -0.83
C LEU B 145 13.74 -13.27 -1.37
N ILE B 146 14.94 -12.73 -1.58
CA ILE B 146 15.14 -11.44 -2.21
C ILE B 146 15.95 -11.68 -3.47
N GLY B 147 15.43 -11.26 -4.62
CA GLY B 147 16.15 -11.40 -5.87
C GLY B 147 16.23 -10.10 -6.61
N ILE B 148 17.23 -10.01 -7.49
CA ILE B 148 17.40 -8.86 -8.39
C ILE B 148 17.71 -9.41 -9.77
N MET B 149 17.17 -8.78 -10.81
CA MET B 149 17.51 -9.16 -12.18
C MET B 149 18.84 -8.51 -12.53
N SER B 150 19.87 -9.34 -12.68
CA SER B 150 21.17 -8.87 -13.10
C SER B 150 21.26 -9.09 -14.60
N SER B 151 22.39 -9.62 -15.06
CA SER B 151 22.60 -10.02 -16.45
C SER B 151 23.85 -10.86 -16.50
N GLY B 152 23.89 -11.81 -17.43
CA GLY B 152 25.16 -12.46 -17.75
C GLY B 152 26.23 -11.47 -18.15
N GLN B 153 25.83 -10.27 -18.60
CA GLN B 153 26.79 -9.26 -18.99
C GLN B 153 27.51 -8.65 -17.79
N GLY B 154 26.96 -8.82 -16.58
CA GLY B 154 27.64 -8.33 -15.40
C GLY B 154 28.71 -9.24 -14.86
N SER B 155 28.81 -10.46 -15.40
CA SER B 155 29.89 -11.37 -15.02
C SER B 155 31.23 -10.83 -15.53
N ILE B 156 32.16 -10.64 -14.59
CA ILE B 156 33.48 -10.19 -14.99
C ILE B 156 34.30 -11.34 -15.56
N ALA B 157 34.26 -12.51 -14.92
CA ALA B 157 35.00 -13.66 -15.44
C ALA B 157 34.57 -14.02 -16.86
N ASP B 158 33.30 -13.84 -17.19
CA ASP B 158 32.83 -14.21 -18.52
C ASP B 158 33.02 -13.10 -19.56
N ASN B 159 33.50 -11.92 -19.16
CA ASN B 159 33.63 -10.80 -20.11
C ASN B 159 34.88 -10.96 -20.96
N GLU B 160 34.77 -11.80 -21.99
CA GLU B 160 35.84 -11.99 -22.96
C GLU B 160 35.64 -11.17 -24.22
N SER B 161 34.47 -10.57 -24.42
CA SER B 161 34.12 -9.96 -25.70
C SER B 161 33.81 -8.47 -25.61
N GLY B 162 33.67 -7.92 -24.41
CA GLY B 162 33.31 -6.52 -24.31
C GLY B 162 31.96 -6.24 -24.94
N GLN B 163 31.82 -5.03 -25.50
CA GLN B 163 30.56 -4.50 -26.03
C GLN B 163 29.62 -4.13 -24.89
N ARG B 164 28.63 -3.29 -25.18
CA ARG B 164 27.68 -2.83 -24.16
CA ARG B 164 27.68 -2.83 -24.16
C ARG B 164 28.41 -2.41 -22.88
N GLU B 165 29.45 -1.59 -23.07
CA GLU B 165 30.43 -1.39 -22.00
C GLU B 165 29.82 -0.79 -20.75
N LEU B 166 29.02 0.27 -20.88
CA LEU B 166 28.51 0.89 -19.66
C LEU B 166 27.54 -0.03 -18.94
N TYR B 167 26.66 -0.71 -19.69
CA TYR B 167 25.73 -1.64 -19.08
C TYR B 167 26.47 -2.75 -18.33
N ARG B 168 27.53 -3.29 -18.93
CA ARG B 168 28.32 -4.33 -18.28
C ARG B 168 28.82 -3.87 -16.91
N GLY B 169 29.42 -2.66 -16.86
CA GLY B 169 29.93 -2.18 -15.58
C GLY B 169 28.83 -1.93 -14.57
N SER B 170 27.66 -1.48 -15.04
CA SER B 170 26.56 -1.25 -14.10
C SER B 170 26.09 -2.56 -13.46
N LYS B 171 26.06 -3.65 -14.23
CA LYS B 171 25.63 -4.92 -13.68
C LYS B 171 26.72 -5.59 -12.85
N ALA B 172 27.99 -5.38 -13.20
CA ALA B 172 29.08 -5.83 -12.35
C ALA B 172 29.06 -5.13 -11.00
N ALA B 173 28.83 -3.81 -11.01
CA ALA B 173 28.73 -3.09 -9.74
C ALA B 173 27.55 -3.60 -8.91
N LEU B 174 26.40 -3.80 -9.56
CA LEU B 174 25.24 -4.34 -8.87
C LEU B 174 25.58 -5.66 -8.18
N ASN B 175 26.21 -6.58 -8.91
CA ASN B 175 26.53 -7.89 -8.34
C ASN B 175 27.45 -7.76 -7.14
N GLN B 176 28.46 -6.89 -7.23
CA GLN B 176 29.36 -6.68 -6.09
C GLN B 176 28.63 -6.10 -4.89
N PHE B 177 27.77 -5.10 -5.13
CA PHE B 177 26.99 -4.53 -4.03
C PHE B 177 26.13 -5.61 -3.37
N MET B 178 25.56 -6.50 -4.18
CA MET B 178 24.70 -7.55 -3.63
C MET B 178 25.51 -8.58 -2.86
N ARG B 179 26.76 -8.84 -3.27
CA ARG B 179 27.62 -9.73 -2.49
C ARG B 179 27.90 -9.16 -1.10
N SER B 180 28.05 -7.84 -0.99
CA SER B 180 28.31 -7.24 0.31
C SER B 180 27.06 -7.26 1.17
N PHE B 181 25.89 -6.98 0.57
CA PHE B 181 24.63 -7.14 1.29
C PHE B 181 24.49 -8.56 1.82
N ALA B 182 24.81 -9.55 0.98
CA ALA B 182 24.71 -10.95 1.40
C ALA B 182 25.65 -11.25 2.56
N ALA B 183 26.85 -10.66 2.54
CA ALA B 183 27.78 -10.85 3.66
C ALA B 183 27.18 -10.37 4.97
N ARG B 184 26.37 -9.30 4.94
CA ARG B 184 25.73 -8.84 6.19
C ARG B 184 24.64 -9.77 6.66
N HIS B 185 24.21 -10.72 5.82
CA HIS B 185 23.23 -11.72 6.16
C HIS B 185 23.83 -13.13 6.24
N ALA B 186 25.16 -13.21 6.33
CA ALA B 186 25.82 -14.50 6.38
C ALA B 186 25.35 -15.30 7.60
N GLN B 187 25.20 -16.61 7.41
CA GLN B 187 24.79 -17.55 8.45
C GLN B 187 23.39 -17.29 8.98
N THR B 188 22.52 -16.66 8.16
CA THR B 188 21.10 -16.52 8.47
C THR B 188 20.32 -17.24 7.38
N PRO B 189 19.01 -17.48 7.55
CA PRO B 189 18.26 -18.25 6.55
C PRO B 189 17.86 -17.48 5.30
N LEU B 190 18.19 -16.19 5.17
CA LEU B 190 17.72 -15.42 4.02
C LEU B 190 18.28 -15.96 2.72
N ALA B 191 17.40 -16.23 1.76
CA ALA B 191 17.79 -16.63 0.42
C ALA B 191 17.87 -15.41 -0.50
N MET B 192 18.91 -15.36 -1.34
CA MET B 192 19.13 -14.22 -2.22
C MET B 192 19.59 -14.71 -3.58
N VAL B 193 19.18 -14.00 -4.62
CA VAL B 193 19.58 -14.43 -5.96
C VAL B 193 19.73 -13.24 -6.88
N LEU B 194 20.76 -13.30 -7.72
CA LEU B 194 20.93 -12.44 -8.88
C LEU B 194 20.64 -13.30 -10.10
N ILE B 195 19.66 -12.89 -10.91
CA ILE B 195 19.19 -13.70 -12.04
C ILE B 195 19.78 -13.18 -13.35
N ALA B 196 20.28 -14.10 -14.16
CA ALA B 196 20.67 -13.83 -15.53
C ALA B 196 19.59 -14.48 -16.39
N PRO B 197 18.68 -13.71 -17.00
CA PRO B 197 17.54 -14.33 -17.69
C PRO B 197 17.87 -14.84 -19.09
N GLY B 198 19.08 -14.66 -19.58
CA GLY B 198 19.39 -14.90 -20.97
C GLY B 198 19.10 -13.69 -21.82
N TRP B 199 19.49 -13.79 -23.09
CA TRP B 199 19.33 -12.70 -24.04
C TRP B 199 17.94 -12.85 -24.67
N VAL B 200 16.99 -12.02 -24.25
CA VAL B 200 15.58 -12.22 -24.53
C VAL B 200 15.06 -11.09 -25.41
N ARG B 201 14.19 -11.45 -26.37
CA ARG B 201 13.65 -10.49 -27.31
C ARG B 201 12.60 -9.59 -26.67
N THR B 202 13.03 -8.71 -25.78
CA THR B 202 12.22 -7.59 -25.32
C THR B 202 12.71 -6.35 -26.03
N GLU B 203 12.15 -5.19 -25.65
CA GLU B 203 12.62 -3.94 -26.24
C GLU B 203 14.06 -3.66 -25.86
N LEU B 204 14.51 -4.17 -24.71
CA LEU B 204 15.90 -4.04 -24.31
C LEU B 204 16.79 -5.03 -25.04
N GLY B 205 16.36 -6.29 -25.14
CA GLY B 205 17.18 -7.30 -25.81
C GLY B 205 17.36 -7.03 -27.29
N GLY B 206 16.32 -6.51 -27.95
CA GLY B 206 16.41 -6.21 -29.36
C GLY B 206 16.07 -7.38 -30.26
N PRO B 207 16.06 -7.14 -31.57
CA PRO B 207 15.61 -8.17 -32.52
C PRO B 207 16.55 -9.37 -32.62
N ASP B 208 17.82 -9.22 -32.29
CA ASP B 208 18.80 -10.29 -32.44
C ASP B 208 18.88 -11.21 -31.23
N ALA B 209 18.06 -10.98 -30.21
CA ALA B 209 18.13 -11.79 -29.00
C ALA B 209 17.78 -13.24 -29.30
N ARG B 210 18.41 -14.15 -28.54
CA ARG B 210 18.34 -15.56 -28.85
C ARG B 210 17.07 -16.23 -28.33
N LEU B 211 16.48 -15.72 -27.26
CA LEU B 211 15.35 -16.34 -26.60
C LEU B 211 14.10 -15.49 -26.71
N SER B 212 12.95 -16.17 -26.84
CA SER B 212 11.68 -15.49 -26.66
C SER B 212 11.39 -15.34 -25.17
N ILE B 213 10.44 -14.46 -24.85
CA ILE B 213 10.01 -14.30 -23.47
C ILE B 213 9.59 -15.63 -22.89
N ASP B 214 8.81 -16.42 -23.62
CA ASP B 214 8.31 -17.67 -23.08
C ASP B 214 9.40 -18.72 -22.91
N GLU B 215 10.57 -18.53 -23.52
CA GLU B 215 11.69 -19.45 -23.37
C GLU B 215 12.56 -19.12 -22.15
N SER B 216 12.38 -17.95 -21.56
CA SER B 216 13.16 -17.47 -20.42
C SER B 216 12.36 -17.41 -19.13
N VAL B 217 11.18 -16.76 -19.17
CA VAL B 217 10.47 -16.43 -17.94
C VAL B 217 10.02 -17.65 -17.15
N PRO B 218 9.45 -18.70 -17.76
CA PRO B 218 9.10 -19.88 -16.94
C PRO B 218 10.30 -20.44 -16.19
N GLY B 219 11.48 -20.45 -16.81
CA GLY B 219 12.68 -20.89 -16.14
C GLY B 219 13.09 -19.98 -15.00
N VAL B 220 13.04 -18.66 -15.21
CA VAL B 220 13.32 -17.72 -14.12
C VAL B 220 12.39 -17.99 -12.95
N VAL B 221 11.11 -18.16 -13.23
CA VAL B 221 10.16 -18.41 -12.15
C VAL B 221 10.46 -19.75 -11.46
N ASP B 222 10.79 -20.78 -12.24
CA ASP B 222 11.20 -22.06 -11.65
C ASP B 222 12.39 -21.86 -10.70
N VAL B 223 13.38 -21.09 -11.15
CA VAL B 223 14.57 -20.86 -10.34
C VAL B 223 14.22 -20.16 -9.04
N LEU B 224 13.39 -19.11 -9.12
CA LEU B 224 13.00 -18.38 -7.91
C LEU B 224 12.25 -19.29 -6.94
N LEU B 225 11.29 -20.06 -7.44
CA LEU B 225 10.55 -20.95 -6.55
C LEU B 225 11.47 -21.95 -5.88
N ALA B 226 12.42 -22.52 -6.65
CA ALA B 226 13.33 -23.52 -6.09
C ALA B 226 14.37 -22.91 -5.15
N LYS B 227 14.67 -21.61 -5.30
CA LYS B 227 15.70 -20.95 -4.49
C LYS B 227 15.18 -20.68 -3.08
N ARG B 228 13.87 -20.56 -2.92
CA ARG B 228 13.29 -20.36 -1.60
CA ARG B 228 13.30 -20.36 -1.60
CA ARG B 228 13.24 -20.39 -1.61
C ARG B 228 13.74 -21.46 -0.66
N GLY B 229 14.14 -21.06 0.55
CA GLY B 229 14.58 -22.03 1.53
C GLY B 229 16.02 -22.44 1.40
N ARG B 230 16.74 -21.95 0.39
CA ARG B 230 18.16 -22.25 0.22
CA ARG B 230 18.16 -22.25 0.21
C ARG B 230 18.92 -20.96 0.55
N ALA B 231 19.40 -20.88 1.79
CA ALA B 231 19.99 -19.65 2.30
C ALA B 231 21.25 -19.27 1.55
N GLY B 232 21.50 -17.96 1.49
CA GLY B 232 22.70 -17.41 0.88
C GLY B 232 22.42 -16.89 -0.52
N LEU B 233 23.41 -16.19 -1.06
CA LEU B 233 23.29 -15.56 -2.36
C LEU B 233 23.89 -16.45 -3.46
N GLU B 234 23.15 -16.58 -4.55
CA GLU B 234 23.67 -17.23 -5.75
C GLU B 234 23.39 -16.36 -6.97
N TYR B 235 24.24 -16.53 -7.97
CA TYR B 235 24.14 -15.88 -9.27
C TYR B 235 23.76 -17.01 -10.21
N LEU B 236 22.49 -17.03 -10.64
CA LEU B 236 21.93 -18.16 -11.38
C LEU B 236 21.27 -17.67 -12.66
N ASP B 237 21.37 -18.48 -13.72
CA ASP B 237 20.69 -18.13 -14.95
C ASP B 237 19.29 -18.76 -15.00
N TYR B 238 18.60 -18.52 -16.12
CA TYR B 238 17.22 -18.98 -16.24
C TYR B 238 17.10 -20.48 -16.30
N ARG B 239 18.21 -21.20 -16.47
CA ARG B 239 18.24 -22.66 -16.44
C ARG B 239 18.71 -23.20 -15.10
N GLY B 240 18.93 -22.32 -14.13
CA GLY B 240 19.43 -22.73 -12.83
C GLY B 240 20.92 -22.96 -12.77
N ARG B 241 21.65 -22.59 -13.82
CA ARG B 241 23.09 -22.77 -13.81
C ARG B 241 23.76 -21.63 -13.07
N THR B 242 24.86 -21.94 -12.39
CA THR B 242 25.63 -20.91 -11.72
C THR B 242 26.41 -20.09 -12.74
N VAL B 243 26.34 -18.77 -12.61
CA VAL B 243 27.09 -17.84 -13.45
C VAL B 243 28.32 -17.44 -12.67
N ARG B 244 29.49 -17.49 -13.32
CA ARG B 244 30.71 -17.04 -12.66
C ARG B 244 30.64 -15.55 -12.34
N TRP B 245 31.23 -15.15 -11.22
CA TRP B 245 31.20 -13.74 -10.84
C TRP B 245 32.01 -12.87 -11.82
#